data_6IS3
#
_entry.id   6IS3
#
_cell.length_a   38.375
_cell.length_b   41.208
_cell.length_c   42.877
_cell.angle_alpha   97.50
_cell.angle_beta   118.85
_cell.angle_gamma   96.06
#
_symmetry.space_group_name_H-M   'P 1'
#
loop_
_entity.id
_entity.type
_entity.pdbx_description
1 polymer 'Response regulator ArlR'
2 non-polymer 'CALCIUM ION'
3 non-polymer '2-(N-MORPHOLINO)-ETHANESULFONIC ACID'
4 water water
#
_entity_poly.entity_id   1
_entity_poly.type   'polypeptide(L)'
_entity_poly.pdbx_seq_one_letter_code
;MGHHHHHHTQILIVEDEQNLARFLELELTHENYNVDTEYDGQDGLDKALSHYYDLIILDLMLPSINGLEICRKIRQQQST
PIIIITAKSDTYDKVAGLDYGADDYIVKPFDIEELLARIRAILRRQ
;
_entity_poly.pdbx_strand_id   C,A
#
loop_
_chem_comp.id
_chem_comp.type
_chem_comp.name
_chem_comp.formula
CA non-polymer 'CALCIUM ION' 'Ca 2'
MES non-polymer '2-(N-MORPHOLINO)-ETHANESULFONIC ACID' 'C6 H13 N O4 S'
#
# COMPACT_ATOMS: atom_id res chain seq x y z
N HIS A 6 17.83 -9.38 -19.52
CA HIS A 6 17.66 -9.36 -18.04
C HIS A 6 16.25 -9.82 -17.69
N HIS A 7 16.06 -10.20 -16.43
CA HIS A 7 14.85 -10.88 -16.01
C HIS A 7 14.44 -10.45 -14.60
N HIS A 8 15.41 -10.40 -13.69
CA HIS A 8 15.08 -10.18 -12.29
C HIS A 8 14.50 -8.79 -12.06
N THR A 9 13.59 -8.72 -11.10
CA THR A 9 13.08 -7.44 -10.64
C THR A 9 14.23 -6.54 -10.19
N GLN A 10 14.18 -5.26 -10.58
CA GLN A 10 15.24 -4.28 -10.31
C GLN A 10 14.71 -3.24 -9.31
N ILE A 11 15.39 -3.14 -8.18
CA ILE A 11 15.00 -2.25 -7.09
C ILE A 11 16.15 -1.28 -6.80
N LEU A 12 15.80 -0.01 -6.62
CA LEU A 12 16.70 1.03 -6.16
C LEU A 12 16.36 1.37 -4.71
N ILE A 13 17.36 1.38 -3.84
CA ILE A 13 17.20 1.88 -2.48
C ILE A 13 17.96 3.19 -2.38
N VAL A 14 17.32 4.22 -1.83
CA VAL A 14 18.01 5.47 -1.55
C VAL A 14 17.94 5.67 -0.04
N GLU A 15 19.07 5.47 0.63
CA GLU A 15 19.11 5.37 2.08
C GLU A 15 20.52 5.75 2.52
N ASP A 16 20.64 6.78 3.36
CA ASP A 16 21.95 7.21 3.85
C ASP A 16 22.37 6.52 5.14
N GLU A 17 21.45 5.84 5.83
CA GLU A 17 21.78 5.04 7.00
C GLU A 17 22.35 3.71 6.50
N GLN A 18 23.69 3.64 6.40
CA GLN A 18 24.33 2.57 5.64
C GLN A 18 24.11 1.19 6.24
N ASN A 19 23.91 1.10 7.55
CA ASN A 19 23.60 -0.20 8.16
C ASN A 19 22.24 -0.73 7.68
N LEU A 20 21.20 0.11 7.73
CA LEU A 20 19.92 -0.31 7.19
C LEU A 20 20.02 -0.57 5.70
N ALA A 21 20.78 0.27 5.00
CA ALA A 21 20.92 0.09 3.56
C ALA A 21 21.48 -1.29 3.23
N ARG A 22 22.48 -1.75 3.99
CA ARG A 22 23.07 -3.04 3.66
C ARG A 22 22.18 -4.19 4.10
N PHE A 23 21.42 -4.01 5.18
CA PHE A 23 20.42 -5.02 5.57
C PHE A 23 19.35 -5.17 4.50
N LEU A 24 18.85 -4.04 3.99
CA LEU A 24 17.82 -4.11 2.95
C LEU A 24 18.35 -4.74 1.68
N GLU A 25 19.55 -4.35 1.24
CA GLU A 25 20.10 -4.95 0.04
C GLU A 25 20.19 -6.46 0.20
N LEU A 26 20.66 -6.93 1.36
CA LEU A 26 20.82 -8.37 1.51
C LEU A 26 19.47 -9.07 1.53
N GLU A 27 18.51 -8.53 2.30
CA GLU A 27 17.19 -9.14 2.37
C GLU A 27 16.51 -9.15 1.01
N LEU A 28 16.58 -8.03 0.27
CA LEU A 28 15.96 -7.99 -1.05
C LEU A 28 16.67 -8.92 -2.03
N THR A 29 18.02 -8.99 -1.95
CA THR A 29 18.72 -9.88 -2.86
C THR A 29 18.33 -11.34 -2.62
N HIS A 30 17.97 -11.69 -1.39
CA HIS A 30 17.52 -13.05 -1.09
C HIS A 30 16.11 -13.33 -1.60
N GLU A 31 15.37 -12.33 -2.07
CA GLU A 31 14.11 -12.53 -2.75
C GLU A 31 14.27 -12.57 -4.26
N ASN A 32 15.51 -12.74 -4.75
CA ASN A 32 15.82 -12.76 -6.19
C ASN A 32 15.62 -11.40 -6.84
N TYR A 33 15.84 -10.33 -6.09
CA TYR A 33 15.82 -8.98 -6.62
C TYR A 33 17.24 -8.50 -6.91
N ASN A 34 17.38 -7.70 -7.97
CA ASN A 34 18.65 -7.06 -8.33
C ASN A 34 18.61 -5.62 -7.81
N VAL A 35 19.45 -5.32 -6.84
CA VAL A 35 19.36 -4.13 -6.00
C VAL A 35 20.52 -3.20 -6.33
N ASP A 36 20.21 -1.93 -6.56
CA ASP A 36 21.19 -0.85 -6.55
C ASP A 36 20.88 0.05 -5.38
N THR A 37 21.93 0.64 -4.79
CA THR A 37 21.81 1.49 -3.63
C THR A 37 22.47 2.83 -3.90
N GLU A 38 21.82 3.89 -3.42
CA GLU A 38 22.39 5.23 -3.39
C GLU A 38 22.26 5.80 -1.98
N TYR A 39 23.30 6.50 -1.53
CA TYR A 39 23.32 7.06 -0.18
C TYR A 39 22.99 8.54 -0.16
N ASP A 40 23.09 9.22 -1.30
CA ASP A 40 22.82 10.65 -1.41
C ASP A 40 21.52 10.86 -2.19
N GLY A 41 20.71 11.81 -1.73
CA GLY A 41 19.40 12.00 -2.34
C GLY A 41 19.49 12.43 -3.79
N GLN A 42 20.44 13.30 -4.11
CA GLN A 42 20.62 13.71 -5.50
C GLN A 42 21.15 12.56 -6.35
N ASP A 43 22.15 11.83 -5.85
CA ASP A 43 22.59 10.64 -6.55
C ASP A 43 21.41 9.68 -6.75
N GLY A 44 20.52 9.60 -5.77
CA GLY A 44 19.38 8.70 -5.87
C GLY A 44 18.41 9.14 -6.94
N LEU A 45 18.11 10.44 -6.98
CA LEU A 45 17.26 10.97 -8.05
C LEU A 45 17.91 10.76 -9.42
N ASP A 46 19.20 11.09 -9.53
CA ASP A 46 19.91 10.86 -10.78
C ASP A 46 19.80 9.42 -11.24
N LYS A 47 19.96 8.47 -10.30
CA LYS A 47 19.98 7.06 -10.68
C LYS A 47 18.60 6.62 -11.10
N ALA A 48 17.57 7.11 -10.42
CA ALA A 48 16.20 6.76 -10.77
C ALA A 48 15.88 7.19 -12.20
N LEU A 49 16.39 8.34 -12.61
CA LEU A 49 16.06 8.88 -13.92
C LEU A 49 16.98 8.34 -15.02
N SER A 50 18.09 7.68 -14.67
CA SER A 50 19.01 7.17 -15.67
C SER A 50 19.02 5.65 -15.81
N HIS A 51 18.30 4.93 -14.95
CA HIS A 51 18.28 3.48 -14.99
C HIS A 51 16.87 2.98 -14.68
N TYR A 52 16.52 1.85 -15.27
CA TYR A 52 15.18 1.33 -15.12
C TYR A 52 15.05 0.56 -13.81
N TYR A 53 14.00 0.86 -13.06
CA TYR A 53 13.67 0.12 -11.86
C TYR A 53 12.20 -0.29 -11.89
N ASP A 54 11.95 -1.49 -11.38
CA ASP A 54 10.57 -1.91 -11.14
C ASP A 54 9.99 -1.24 -9.90
N LEU A 55 10.82 -0.85 -8.94
CA LEU A 55 10.35 -0.24 -7.70
C LEU A 55 11.51 0.49 -7.06
N ILE A 56 11.21 1.63 -6.43
CA ILE A 56 12.20 2.47 -5.78
C ILE A 56 11.78 2.64 -4.33
N ILE A 57 12.74 2.46 -3.40
CA ILE A 57 12.54 2.66 -1.97
C ILE A 57 13.30 3.93 -1.59
N LEU A 58 12.59 4.91 -1.01
CA LEU A 58 13.18 6.18 -0.63
C LEU A 58 13.04 6.45 0.86
N ASP A 59 14.17 6.72 1.49
CA ASP A 59 14.15 7.28 2.84
C ASP A 59 13.71 8.74 2.76
N LEU A 60 12.91 9.17 3.74
CA LEU A 60 12.38 10.53 3.71
C LEU A 60 13.49 11.57 3.86
N MET A 61 14.43 11.35 4.78
CA MET A 61 15.44 12.35 5.13
C MET A 61 16.77 11.95 4.52
N LEU A 62 17.24 12.73 3.56
CA LEU A 62 18.42 12.41 2.79
C LEU A 62 19.26 13.65 2.56
N PRO A 63 20.58 13.50 2.45
CA PRO A 63 21.39 14.65 2.05
C PRO A 63 21.06 15.07 0.64
N SER A 64 21.29 16.37 0.38
CA SER A 64 21.16 17.00 -0.94
C SER A 64 19.71 17.31 -1.28
N ILE A 65 18.85 16.31 -1.29
CA ILE A 65 17.44 16.49 -1.64
C ILE A 65 16.65 15.44 -0.86
N ASN A 66 15.48 15.83 -0.36
CA ASN A 66 14.76 14.96 0.55
C ASN A 66 13.78 14.05 -0.21
N GLY A 67 13.28 13.06 0.51
CA GLY A 67 12.54 11.99 -0.15
C GLY A 67 11.27 12.44 -0.84
N LEU A 68 10.51 13.36 -0.22
CA LEU A 68 9.28 13.81 -0.86
C LEU A 68 9.59 14.55 -2.15
N GLU A 69 10.64 15.38 -2.15
CA GLU A 69 11.02 16.08 -3.37
C GLU A 69 11.53 15.10 -4.41
N ILE A 70 12.33 14.11 -3.98
CA ILE A 70 12.74 13.06 -4.90
C ILE A 70 11.53 12.39 -5.50
N CYS A 71 10.58 11.97 -4.64
CA CYS A 71 9.35 11.34 -5.10
C CYS A 71 8.66 12.20 -6.16
N ARG A 72 8.45 13.48 -5.85
CA ARG A 72 7.78 14.37 -6.79
C ARG A 72 8.56 14.48 -8.10
N LYS A 73 9.88 14.64 -8.03
CA LYS A 73 10.67 14.78 -9.24
C LYS A 73 10.62 13.53 -10.11
N ILE A 74 10.64 12.34 -9.48
CA ILE A 74 10.51 11.11 -10.24
C ILE A 74 9.15 11.07 -10.94
N ARG A 75 8.10 11.47 -10.22
CA ARG A 75 6.75 11.36 -10.78
C ARG A 75 6.52 12.29 -11.96
N GLN A 76 7.24 13.42 -12.02
CA GLN A 76 7.17 14.26 -13.20
C GLN A 76 7.56 13.48 -14.46
N GLN A 77 8.37 12.44 -14.30
CA GLN A 77 9.00 11.78 -15.44
C GLN A 77 8.65 10.32 -15.60
N GLN A 78 8.27 9.61 -14.54
CA GLN A 78 7.97 8.19 -14.70
C GLN A 78 6.95 7.75 -13.67
N SER A 79 6.35 6.61 -13.96
CA SER A 79 5.30 6.03 -13.12
C SER A 79 5.84 4.97 -12.19
N THR A 80 7.16 4.85 -12.09
CA THR A 80 7.81 3.80 -11.31
C THR A 80 7.25 3.72 -9.91
N PRO A 81 6.84 2.55 -9.43
CA PRO A 81 6.38 2.43 -8.05
C PRO A 81 7.42 2.91 -7.05
N ILE A 82 6.95 3.58 -6.00
CA ILE A 82 7.79 4.17 -4.97
C ILE A 82 7.23 3.79 -3.63
N ILE A 83 8.10 3.34 -2.73
CA ILE A 83 7.76 3.18 -1.32
C ILE A 83 8.64 4.14 -0.54
N ILE A 84 8.03 4.92 0.35
CA ILE A 84 8.76 5.80 1.25
C ILE A 84 8.88 5.12 2.62
N ILE A 85 10.08 5.16 3.18
CA ILE A 85 10.34 4.74 4.56
C ILE A 85 10.76 5.95 5.37
N THR A 86 10.20 6.08 6.57
CA THR A 86 10.44 7.25 7.41
C THR A 86 10.39 6.86 8.87
N ALA A 87 11.04 7.68 9.71
CA ALA A 87 10.83 7.60 11.15
C ALA A 87 9.63 8.41 11.61
N LYS A 88 9.12 9.32 10.78
CA LYS A 88 8.03 10.21 11.16
C LYS A 88 6.69 9.53 10.87
N SER A 89 5.89 9.34 11.92
CA SER A 89 4.63 8.62 11.83
C SER A 89 3.42 9.53 11.69
N ASP A 90 3.61 10.81 11.41
CA ASP A 90 2.51 11.75 11.32
C ASP A 90 1.56 11.36 10.19
N THR A 91 0.26 11.37 10.48
CA THR A 91 -0.74 11.16 9.45
C THR A 91 -0.52 12.11 8.27
N TYR A 92 -0.31 13.39 8.54
CA TYR A 92 -0.23 14.33 7.42
C TYR A 92 1.02 14.11 6.57
N ASP A 93 2.08 13.57 7.15
CA ASP A 93 3.25 13.24 6.34
C ASP A 93 3.01 12.02 5.46
N LYS A 94 2.32 11.00 5.99
CA LYS A 94 1.92 9.87 5.16
C LYS A 94 1.06 10.34 3.98
N VAL A 95 0.10 11.23 4.27
CA VAL A 95 -0.80 11.71 3.24
C VAL A 95 -0.03 12.44 2.16
N ALA A 96 0.89 13.31 2.58
CA ALA A 96 1.71 14.06 1.63
C ALA A 96 2.51 13.12 0.73
N GLY A 97 3.17 12.11 1.33
CA GLY A 97 3.94 11.17 0.55
C GLY A 97 3.10 10.44 -0.48
N LEU A 98 1.96 9.91 -0.07
CA LEU A 98 1.10 9.24 -1.03
C LEU A 98 0.61 10.22 -2.08
N ASP A 99 0.16 11.41 -1.67
CA ASP A 99 -0.36 12.34 -2.66
C ASP A 99 0.74 12.83 -3.62
N TYR A 100 2.00 12.81 -3.20
CA TYR A 100 3.06 13.21 -4.13
C TYR A 100 3.43 12.11 -5.09
N GLY A 101 2.83 10.93 -4.97
CA GLY A 101 3.06 9.84 -5.91
C GLY A 101 3.52 8.54 -5.30
N ALA A 102 3.81 8.46 -4.00
CA ALA A 102 4.22 7.18 -3.43
C ALA A 102 3.06 6.17 -3.43
N ASP A 103 3.42 4.90 -3.59
CA ASP A 103 2.45 3.80 -3.51
C ASP A 103 2.31 3.24 -2.12
N ASP A 104 3.28 3.41 -1.27
CA ASP A 104 3.16 2.98 0.12
C ASP A 104 4.12 3.82 0.95
N TYR A 105 3.95 3.74 2.26
CA TYR A 105 4.57 4.66 3.19
C TYR A 105 4.69 3.86 4.48
N ILE A 106 5.93 3.55 4.89
CA ILE A 106 6.19 2.61 5.98
C ILE A 106 7.06 3.28 7.03
N VAL A 107 6.75 3.07 8.33
CA VAL A 107 7.50 3.66 9.42
C VAL A 107 8.65 2.75 9.85
N LYS A 108 9.90 3.35 9.92
CA LYS A 108 11.08 2.78 10.55
C LYS A 108 10.94 2.89 12.07
N PRO A 109 11.27 1.83 12.83
CA PRO A 109 11.65 0.47 12.48
C PRO A 109 10.44 -0.35 12.04
N PHE A 110 10.64 -1.18 11.03
CA PHE A 110 9.61 -2.03 10.49
C PHE A 110 10.13 -3.47 10.45
N ASP A 111 9.18 -4.40 10.41
CA ASP A 111 9.48 -5.81 10.14
C ASP A 111 9.74 -6.00 8.65
N ILE A 112 10.89 -6.60 8.32
CA ILE A 112 11.27 -6.84 6.93
C ILE A 112 10.21 -7.67 6.21
N GLU A 113 9.57 -8.60 6.92
CA GLU A 113 8.55 -9.40 6.27
C GLU A 113 7.38 -8.54 5.78
N GLU A 114 7.03 -7.48 6.53
CA GLU A 114 5.97 -6.59 6.07
C GLU A 114 6.41 -5.82 4.83
N LEU A 115 7.62 -5.27 4.85
CA LEU A 115 8.11 -4.56 3.68
C LEU A 115 8.09 -5.46 2.45
N LEU A 116 8.60 -6.68 2.58
CA LEU A 116 8.66 -7.57 1.43
C LEU A 116 7.26 -7.87 0.90
N ALA A 117 6.31 -8.06 1.81
CA ALA A 117 4.94 -8.33 1.38
C ALA A 117 4.30 -7.12 0.69
N ARG A 118 4.66 -5.91 1.12
CA ARG A 118 4.12 -4.73 0.46
C ARG A 118 4.76 -4.50 -0.90
N ILE A 119 6.03 -4.87 -1.04
CA ILE A 119 6.66 -4.85 -2.36
C ILE A 119 5.93 -5.80 -3.31
N ARG A 120 5.72 -7.05 -2.86
CA ARG A 120 5.00 -8.04 -3.65
C ARG A 120 3.61 -7.55 -4.05
N ALA A 121 2.87 -6.95 -3.11
CA ALA A 121 1.53 -6.47 -3.42
C ALA A 121 1.54 -5.43 -4.52
N ILE A 122 2.49 -4.48 -4.48
CA ILE A 122 2.58 -3.48 -5.54
C ILE A 122 2.97 -4.12 -6.86
N LEU A 123 3.97 -4.99 -6.84
CA LEU A 123 4.50 -5.53 -8.10
C LEU A 123 3.54 -6.52 -8.75
N ARG A 124 2.64 -7.12 -7.98
CA ARG A 124 1.67 -8.05 -8.55
C ARG A 124 0.90 -7.43 -9.71
N ARG A 125 0.75 -6.10 -9.70
CA ARG A 125 -0.05 -5.41 -10.69
C ARG A 125 0.77 -4.81 -11.83
N GLN A 126 2.05 -5.13 -11.89
CA GLN A 126 2.94 -4.60 -12.91
C GLN A 126 3.34 -5.73 -13.87
N HIS B 8 -18.25 7.87 -11.90
CA HIS B 8 -18.36 7.96 -10.39
C HIS B 8 -17.85 6.70 -9.69
N THR B 9 -16.78 6.84 -8.93
CA THR B 9 -16.08 5.69 -8.37
C THR B 9 -16.92 4.98 -7.31
N GLN B 10 -16.96 3.65 -7.39
CA GLN B 10 -17.85 2.83 -6.56
C GLN B 10 -17.02 2.02 -5.58
N ILE B 11 -17.37 2.13 -4.29
CA ILE B 11 -16.66 1.41 -3.23
C ILE B 11 -17.65 0.51 -2.51
N LEU B 12 -17.22 -0.71 -2.24
CA LEU B 12 -17.96 -1.63 -1.38
C LEU B 12 -17.25 -1.68 -0.04
N ILE B 13 -18.00 -1.49 1.05
CA ILE B 13 -17.52 -1.64 2.42
C ILE B 13 -18.18 -2.90 2.97
N VAL B 14 -17.38 -3.85 3.47
CA VAL B 14 -17.91 -5.00 4.21
C VAL B 14 -17.47 -4.86 5.66
N GLU B 15 -18.39 -4.46 6.52
CA GLU B 15 -18.08 -4.08 7.90
C GLU B 15 -19.30 -4.37 8.76
N ASP B 16 -19.16 -5.23 9.76
CA ASP B 16 -20.29 -5.59 10.61
C ASP B 16 -20.46 -4.66 11.81
N GLU B 17 -19.48 -3.81 12.08
CA GLU B 17 -19.61 -2.82 13.14
C GLU B 17 -20.34 -1.62 12.54
N GLN B 18 -21.63 -1.48 12.87
CA GLN B 18 -22.46 -0.52 12.15
C GLN B 18 -22.00 0.92 12.37
N ASN B 19 -21.46 1.24 13.55
CA ASN B 19 -20.97 2.59 13.77
C ASN B 19 -19.81 2.92 12.85
N LEU B 20 -18.85 2.00 12.73
CA LEU B 20 -17.71 2.22 11.84
C LEU B 20 -18.14 2.16 10.38
N ALA B 21 -19.03 1.23 10.03
CA ALA B 21 -19.55 1.19 8.66
C ALA B 21 -20.18 2.52 8.28
N ARG B 22 -20.98 3.08 9.19
CA ARG B 22 -21.63 4.37 8.95
C ARG B 22 -20.62 5.49 8.82
N PHE B 23 -19.58 5.52 9.68
CA PHE B 23 -18.57 6.56 9.57
C PHE B 23 -17.85 6.49 8.24
N LEU B 24 -17.40 5.30 7.87
CA LEU B 24 -16.72 5.17 6.59
C LEU B 24 -17.62 5.57 5.43
N GLU B 25 -18.88 5.13 5.43
CA GLU B 25 -19.78 5.51 4.35
C GLU B 25 -19.88 7.03 4.23
N LEU B 26 -20.12 7.71 5.36
CA LEU B 26 -20.30 9.15 5.35
C LEU B 26 -19.05 9.85 4.81
N GLU B 27 -17.87 9.44 5.30
CA GLU B 27 -16.63 10.12 4.92
C GLU B 27 -16.31 9.88 3.46
N LEU B 28 -16.50 8.63 2.98
CA LEU B 28 -16.24 8.34 1.57
C LEU B 28 -17.26 9.00 0.67
N THR B 29 -18.54 9.01 1.07
CA THR B 29 -19.53 9.69 0.24
C THR B 29 -19.19 11.16 0.11
N HIS B 30 -18.70 11.76 1.20
CA HIS B 30 -18.34 13.18 1.15
C HIS B 30 -17.21 13.44 0.15
N GLU B 31 -16.44 12.42 -0.23
CA GLU B 31 -15.38 12.55 -1.22
C GLU B 31 -15.84 12.18 -2.61
N ASN B 32 -17.15 12.11 -2.82
CA ASN B 32 -17.77 11.86 -4.12
C ASN B 32 -17.61 10.42 -4.57
N TYR B 33 -17.45 9.51 -3.61
CA TYR B 33 -17.52 8.08 -3.87
C TYR B 33 -18.96 7.62 -3.70
N ASN B 34 -19.36 6.66 -4.52
CA ASN B 34 -20.63 5.96 -4.34
C ASN B 34 -20.33 4.68 -3.54
N VAL B 35 -21.00 4.51 -2.40
CA VAL B 35 -20.65 3.49 -1.42
C VAL B 35 -21.82 2.54 -1.23
N ASP B 36 -21.55 1.26 -1.35
CA ASP B 36 -22.44 0.20 -0.91
C ASP B 36 -21.83 -0.48 0.31
N THR B 37 -22.69 -0.90 1.23
CA THR B 37 -22.29 -1.50 2.48
C THR B 37 -22.96 -2.86 2.63
N GLU B 38 -22.18 -3.82 3.11
CA GLU B 38 -22.69 -5.11 3.56
C GLU B 38 -22.16 -5.35 4.97
N TYR B 39 -22.98 -5.96 5.80
CA TYR B 39 -22.69 -6.13 7.21
C TYR B 39 -22.41 -7.58 7.57
N ASP B 40 -22.51 -8.48 6.60
CA ASP B 40 -22.25 -9.89 6.79
C ASP B 40 -21.19 -10.31 5.78
N GLY B 41 -20.29 -11.20 6.20
CA GLY B 41 -19.19 -11.58 5.33
C GLY B 41 -19.63 -12.31 4.07
N GLN B 42 -20.63 -13.19 4.19
CA GLN B 42 -21.13 -13.88 3.00
C GLN B 42 -21.91 -12.93 2.11
N ASP B 43 -22.73 -12.06 2.69
CA ASP B 43 -23.38 -11.07 1.82
C ASP B 43 -22.35 -10.20 1.13
N GLY B 44 -21.28 -9.86 1.84
CA GLY B 44 -20.22 -9.04 1.25
C GLY B 44 -19.52 -9.74 0.10
N LEU B 45 -19.11 -10.97 0.33
CA LEU B 45 -18.55 -11.78 -0.76
C LEU B 45 -19.51 -11.89 -1.93
N ASP B 46 -20.78 -12.20 -1.66
CA ASP B 46 -21.74 -12.34 -2.73
C ASP B 46 -21.87 -11.04 -3.52
N LYS B 47 -21.89 -9.91 -2.83
CA LYS B 47 -22.04 -8.63 -3.52
C LYS B 47 -20.83 -8.32 -4.38
N ALA B 48 -19.64 -8.56 -3.85
CA ALA B 48 -18.42 -8.32 -4.62
C ALA B 48 -18.36 -9.19 -5.88
N LEU B 49 -18.85 -10.42 -5.79
CA LEU B 49 -18.77 -11.30 -6.94
C LEU B 49 -19.86 -11.00 -7.97
N SER B 50 -20.92 -10.30 -7.57
CA SER B 50 -22.01 -10.01 -8.51
C SER B 50 -21.96 -8.59 -9.07
N HIS B 51 -21.17 -7.68 -8.51
CA HIS B 51 -21.01 -6.35 -9.07
C HIS B 51 -19.55 -5.91 -9.01
N TYR B 52 -19.11 -5.22 -10.07
CA TYR B 52 -17.77 -4.66 -10.23
C TYR B 52 -17.68 -3.37 -9.41
N TYR B 53 -16.83 -3.37 -8.40
CA TYR B 53 -16.49 -2.14 -7.70
C TYR B 53 -15.12 -1.67 -8.14
N ASP B 54 -14.83 -0.38 -7.90
CA ASP B 54 -13.50 0.12 -8.11
C ASP B 54 -12.56 -0.24 -6.95
N LEU B 55 -13.09 -0.40 -5.74
CA LEU B 55 -12.28 -0.80 -4.59
C LEU B 55 -13.21 -1.34 -3.52
N ILE B 56 -12.71 -2.32 -2.77
CA ILE B 56 -13.46 -3.02 -1.75
C ILE B 56 -12.68 -2.91 -0.45
N ILE B 57 -13.37 -2.48 0.60
CA ILE B 57 -12.80 -2.43 1.95
C ILE B 57 -13.43 -3.56 2.76
N LEU B 58 -12.58 -4.39 3.36
CA LEU B 58 -12.99 -5.54 4.15
C LEU B 58 -12.49 -5.42 5.57
N ASP B 59 -13.36 -5.56 6.55
CA ASP B 59 -12.89 -5.78 7.91
C ASP B 59 -12.39 -7.22 8.01
N LEU B 60 -11.28 -7.40 8.71
CA LEU B 60 -10.80 -8.76 8.94
C LEU B 60 -11.83 -9.59 9.69
N MET B 61 -12.49 -8.99 10.69
CA MET B 61 -13.34 -9.74 11.61
C MET B 61 -14.79 -9.58 11.16
N LEU B 62 -15.26 -10.55 10.38
CA LEU B 62 -16.61 -10.52 9.82
C LEU B 62 -17.33 -11.82 10.15
N PRO B 63 -18.66 -11.75 10.29
CA PRO B 63 -19.45 -12.97 10.47
C PRO B 63 -19.61 -13.77 9.18
N SER B 64 -19.89 -15.07 9.36
CA SER B 64 -20.12 -16.00 8.25
C SER B 64 -18.82 -16.37 7.55
N ILE B 65 -18.03 -15.38 7.12
CA ILE B 65 -16.72 -15.68 6.56
C ILE B 65 -15.85 -14.44 6.76
N ASN B 66 -14.62 -14.64 7.20
CA ASN B 66 -13.79 -13.51 7.63
C ASN B 66 -13.16 -12.81 6.41
N GLY B 67 -12.68 -11.58 6.67
CA GLY B 67 -12.22 -10.72 5.59
C GLY B 67 -11.00 -11.25 4.85
N LEU B 68 -10.12 -11.96 5.56
CA LEU B 68 -8.95 -12.55 4.90
C LEU B 68 -9.39 -13.56 3.87
N GLU B 69 -10.35 -14.40 4.23
CA GLU B 69 -10.81 -15.44 3.32
C GLU B 69 -11.69 -14.86 2.22
N ILE B 70 -12.46 -13.82 2.53
CA ILE B 70 -13.17 -13.11 1.46
C ILE B 70 -12.18 -12.53 0.46
N CYS B 71 -11.06 -11.98 0.95
CA CYS B 71 -10.08 -11.36 0.06
C CYS B 71 -9.55 -12.37 -0.94
N ARG B 72 -9.13 -13.56 -0.48
CA ARG B 72 -8.60 -14.59 -1.36
C ARG B 72 -9.63 -15.04 -2.39
N LYS B 73 -10.88 -15.16 -1.97
CA LYS B 73 -11.92 -15.63 -2.90
C LYS B 73 -12.23 -14.58 -3.96
N ILE B 74 -12.30 -13.32 -3.58
CA ILE B 74 -12.44 -12.27 -4.58
C ILE B 74 -11.28 -12.31 -5.56
N ARG B 75 -10.05 -12.40 -5.05
CA ARG B 75 -8.90 -12.26 -5.93
C ARG B 75 -8.74 -13.44 -6.88
N GLN B 76 -9.34 -14.58 -6.55
CA GLN B 76 -9.40 -15.67 -7.52
C GLN B 76 -10.09 -15.23 -8.79
N GLN B 77 -11.14 -14.41 -8.65
CA GLN B 77 -12.07 -14.10 -9.73
C GLN B 77 -11.85 -12.72 -10.35
N GLN B 78 -11.25 -11.77 -9.62
CA GLN B 78 -11.19 -10.39 -10.04
C GLN B 78 -9.87 -9.76 -9.64
N SER B 79 -9.52 -8.70 -10.37
CA SER B 79 -8.37 -7.89 -10.01
CA SER B 79 -8.37 -7.89 -10.01
C SER B 79 -8.73 -6.72 -9.11
N THR B 80 -10.01 -6.62 -8.71
CA THR B 80 -10.51 -5.49 -7.95
C THR B 80 -9.62 -5.13 -6.78
N PRO B 81 -9.24 -3.85 -6.61
CA PRO B 81 -8.46 -3.46 -5.44
C PRO B 81 -9.18 -3.73 -4.12
N ILE B 82 -8.41 -4.19 -3.13
CA ILE B 82 -8.94 -4.56 -1.82
C ILE B 82 -8.07 -3.93 -0.75
N ILE B 83 -8.71 -3.31 0.25
CA ILE B 83 -8.05 -2.89 1.48
C ILE B 83 -8.67 -3.65 2.63
N ILE B 84 -7.84 -4.29 3.46
CA ILE B 84 -8.31 -4.89 4.72
C ILE B 84 -8.06 -3.93 5.86
N ILE B 85 -9.05 -3.72 6.72
CA ILE B 85 -8.90 -2.93 7.94
C ILE B 85 -9.14 -3.84 9.12
N THR B 86 -8.46 -3.58 10.23
CA THR B 86 -8.67 -4.45 11.36
C THR B 86 -8.32 -3.75 12.67
N ALA B 87 -9.04 -4.16 13.73
CA ALA B 87 -8.74 -3.65 15.07
C ALA B 87 -7.42 -4.22 15.58
N LYS B 88 -7.12 -5.48 15.23
CA LYS B 88 -5.99 -6.18 15.78
C LYS B 88 -5.32 -6.97 14.68
N SER B 89 -4.00 -7.04 14.75
CA SER B 89 -3.22 -7.76 13.76
CA SER B 89 -3.22 -7.77 13.75
C SER B 89 -1.73 -7.62 14.04
N ASP B 90 -0.97 -8.69 13.86
CA ASP B 90 0.47 -8.68 13.98
C ASP B 90 1.07 -8.77 12.59
N THR B 91 2.39 -8.94 12.50
CA THR B 91 3.04 -8.94 11.18
C THR B 91 2.58 -10.12 10.33
N TYR B 92 2.36 -11.29 10.95
CA TYR B 92 1.88 -12.46 10.21
C TYR B 92 0.53 -12.18 9.55
N ASP B 93 -0.38 -11.55 10.29
CA ASP B 93 -1.68 -11.23 9.73
C ASP B 93 -1.55 -10.29 8.53
N LYS B 94 -0.69 -9.29 8.65
CA LYS B 94 -0.49 -8.32 7.57
C LYS B 94 0.05 -9.02 6.34
N VAL B 95 1.06 -9.87 6.54
CA VAL B 95 1.70 -10.55 5.41
C VAL B 95 0.70 -11.47 4.74
N ALA B 96 -0.08 -12.20 5.53
CA ALA B 96 -1.11 -13.07 4.95
C ALA B 96 -2.10 -12.26 4.11
N GLY B 97 -2.57 -11.13 4.65
CA GLY B 97 -3.56 -10.35 3.92
C GLY B 97 -3.03 -9.83 2.60
N LEU B 98 -1.80 -9.32 2.60
CA LEU B 98 -1.22 -8.79 1.37
C LEU B 98 -0.92 -9.93 0.40
N ASP B 99 -0.46 -11.08 0.92
CA ASP B 99 -0.16 -12.21 0.05
C ASP B 99 -1.41 -12.81 -0.56
N TYR B 100 -2.54 -12.72 0.15
CA TYR B 100 -3.81 -13.23 -0.35
C TYR B 100 -4.48 -12.28 -1.35
N GLY B 101 -3.91 -11.12 -1.59
CA GLY B 101 -4.42 -10.27 -2.65
C GLY B 101 -4.72 -8.86 -2.23
N ALA B 102 -4.64 -8.53 -0.93
CA ALA B 102 -4.92 -7.18 -0.50
C ALA B 102 -3.87 -6.21 -1.04
N ASP B 103 -4.33 -5.02 -1.44
CA ASP B 103 -3.42 -3.95 -1.87
C ASP B 103 -2.94 -3.10 -0.72
N ASP B 104 -3.66 -3.06 0.39
CA ASP B 104 -3.22 -2.39 1.59
C ASP B 104 -3.90 -3.06 2.78
N TYR B 105 -3.38 -2.79 3.97
CA TYR B 105 -3.75 -3.47 5.20
C TYR B 105 -3.54 -2.42 6.28
N ILE B 106 -4.61 -2.04 6.97
CA ILE B 106 -4.56 -0.91 7.90
C ILE B 106 -5.07 -1.37 9.27
N VAL B 107 -4.31 -1.07 10.34
CA VAL B 107 -4.69 -1.42 11.71
C VAL B 107 -5.23 -0.20 12.43
N LYS B 108 -6.34 -0.37 13.14
CA LYS B 108 -6.94 0.69 13.93
C LYS B 108 -6.03 1.01 15.11
N PRO B 109 -5.97 2.27 15.53
CA PRO B 109 -6.72 3.39 14.99
C PRO B 109 -6.00 3.96 13.80
N PHE B 110 -6.78 4.41 12.82
CA PHE B 110 -6.23 5.14 11.69
C PHE B 110 -7.06 6.39 11.48
N ASP B 111 -6.42 7.41 10.93
CA ASP B 111 -7.11 8.63 10.58
C ASP B 111 -7.71 8.47 9.19
N ILE B 112 -8.93 8.99 9.04
CA ILE B 112 -9.64 8.87 7.78
C ILE B 112 -8.82 9.47 6.64
N GLU B 113 -8.05 10.52 6.90
CA GLU B 113 -7.24 11.13 5.85
C GLU B 113 -6.20 10.15 5.29
N GLU B 114 -5.66 9.28 6.12
CA GLU B 114 -4.73 8.27 5.62
C GLU B 114 -5.45 7.24 4.75
N LEU B 115 -6.63 6.76 5.21
CA LEU B 115 -7.39 5.84 4.38
C LEU B 115 -7.69 6.46 3.02
N LEU B 116 -8.14 7.72 3.01
CA LEU B 116 -8.51 8.33 1.75
C LEU B 116 -7.31 8.49 0.82
N ALA B 117 -6.13 8.82 1.38
CA ALA B 117 -4.92 8.95 0.57
C ALA B 117 -4.47 7.61 0.02
N ARG B 118 -4.64 6.53 0.79
CA ARG B 118 -4.25 5.22 0.32
C ARG B 118 -5.21 4.71 -0.76
N ILE B 119 -6.48 5.06 -0.65
CA ILE B 119 -7.42 4.79 -1.73
C ILE B 119 -6.98 5.51 -2.99
N ARG B 120 -6.68 6.81 -2.85
CA ARG B 120 -6.22 7.58 -4.01
C ARG B 120 -5.01 6.92 -4.65
N ALA B 121 -4.04 6.50 -3.83
CA ALA B 121 -2.79 5.95 -4.36
C ALA B 121 -3.04 4.68 -5.14
N ILE B 122 -3.95 3.83 -4.64
CA ILE B 122 -4.28 2.60 -5.35
C ILE B 122 -5.03 2.89 -6.64
N LEU B 123 -6.02 3.78 -6.59
CA LEU B 123 -6.84 4.02 -7.77
C LEU B 123 -6.08 4.76 -8.86
N ARG B 124 -5.02 5.50 -8.52
CA ARG B 124 -4.23 6.18 -9.55
C ARG B 124 -3.79 5.21 -10.64
N ARG B 125 -3.47 3.99 -10.26
CA ARG B 125 -2.87 3.03 -11.18
C ARG B 125 -3.90 2.18 -11.91
N GLN B 126 -5.18 2.41 -11.67
CA GLN B 126 -6.22 1.66 -12.33
C GLN B 126 -6.68 2.43 -13.57
CA CA C . 18.19 9.55 6.44
O1 MES D . -1.24 0.11 -0.46
C2 MES D . -1.15 1.30 -1.24
C3 MES D . -0.81 0.97 -2.69
N4 MES D . -0.25 -0.38 -2.91
C5 MES D . 0.34 -1.14 -1.81
C6 MES D . 0.02 -0.52 -0.46
C7 MES D . -0.94 -1.32 -3.82
C8 MES D . -1.55 -0.72 -5.10
S MES D . -0.64 -1.08 -6.43
O1S MES D . -0.48 -2.54 -6.55
O2S MES D . 0.69 -0.43 -6.32
O3S MES D . -1.33 -0.55 -7.63
H21 MES D . -0.37 1.93 -0.83
H22 MES D . -2.09 1.85 -1.20
H31 MES D . -0.12 1.71 -3.08
H32 MES D . -1.73 1.06 -3.28
HN4 MES D . 0.57 -0.14 -3.45
H51 MES D . -0.05 -2.15 -1.82
H52 MES D . 1.43 -1.19 -1.94
H61 MES D . 0.02 -1.30 0.31
H62 MES D . 0.80 0.20 -0.19
H71 MES D . -1.73 -1.81 -3.26
H72 MES D . -0.23 -2.09 -4.11
H81 MES D . -1.63 0.36 -4.99
H82 MES D . -2.56 -1.12 -5.23
#